data_1SRH
#
_entry.id   1SRH
#
_cell.length_a   94.500
_cell.length_b   104.700
_cell.length_c   47.400
_cell.angle_alpha   90.00
_cell.angle_beta   90.00
_cell.angle_gamma   90.00
#
_symmetry.space_group_name_H-M   'I 2 2 2'
#
loop_
_entity.id
_entity.type
_entity.pdbx_description
1 polymer STREPTAVIDIN
2 non-polymer "2-((3',5'-DIMETHOXY-4'-HYDROXYPHENYL)AZO)BENZOIC ACID"
3 water water
#
_entity_poly.entity_id   1
_entity_poly.type   'polypeptide(L)'
_entity_poly.pdbx_seq_one_letter_code
;AEAGITGTWYNQLGSTFIVTAGADGALTGTYESAVGNAESRYVLTGRYDSAPATDGSGTALGWTVAWKNNYRNAHSATTW
SGQYVGGAEARINTQWLLTSGTTEANAWKSTLVGHDTFTKV
;
_entity_poly.pdbx_strand_id   A,B
#
loop_
_chem_comp.id
_chem_comp.type
_chem_comp.name
_chem_comp.formula
MOB non-polymer '2-((3',5'-DIMETHOXY-4'-HYDROXYPHENYL)AZO)BENZOIC ACID' 'C15 H14 N2 O5'
#
# COMPACT_ATOMS: atom_id res chain seq x y z
N ALA A 3 12.79 -3.41 14.96
CA ALA A 3 12.77 -4.54 15.92
C ALA A 3 11.33 -4.86 16.28
N GLY A 4 10.62 -3.83 16.72
CA GLY A 4 9.23 -3.91 17.12
C GLY A 4 8.34 -4.55 16.05
N ILE A 5 8.41 -4.00 14.86
CA ILE A 5 7.63 -4.40 13.70
C ILE A 5 8.05 -5.75 13.15
N THR A 6 9.35 -5.96 13.04
CA THR A 6 9.93 -7.19 12.51
C THR A 6 9.47 -8.42 13.28
N GLY A 7 9.00 -9.39 12.54
CA GLY A 7 8.53 -10.66 13.15
C GLY A 7 7.39 -11.26 12.32
N THR A 8 6.76 -12.23 12.96
CA THR A 8 5.60 -12.96 12.43
C THR A 8 4.35 -12.42 13.16
N TRP A 9 3.35 -12.16 12.36
CA TRP A 9 2.06 -11.61 12.83
C TRP A 9 0.94 -12.44 12.16
N TYR A 10 -0.17 -12.52 12.87
CA TYR A 10 -1.36 -13.20 12.30
C TYR A 10 -2.54 -12.26 12.51
N ASN A 11 -3.49 -12.38 11.60
CA ASN A 11 -4.71 -11.57 11.67
C ASN A 11 -5.83 -12.50 12.15
N GLN A 12 -6.97 -11.87 12.36
CA GLN A 12 -8.18 -12.52 12.85
C GLN A 12 -8.69 -13.58 11.90
N LEU A 13 -8.25 -13.55 10.66
CA LEU A 13 -8.68 -14.55 9.67
C LEU A 13 -7.77 -15.78 9.68
N GLY A 14 -6.64 -15.65 10.31
CA GLY A 14 -5.63 -16.71 10.39
C GLY A 14 -4.54 -16.58 9.33
N SER A 15 -4.48 -15.44 8.67
CA SER A 15 -3.46 -15.14 7.66
C SER A 15 -2.14 -14.83 8.40
N THR A 16 -1.05 -15.08 7.69
CA THR A 16 0.31 -14.92 8.21
C THR A 16 1.05 -13.81 7.46
N PHE A 17 1.65 -12.94 8.25
CA PHE A 17 2.45 -11.80 7.71
C PHE A 17 3.83 -11.89 8.35
N ILE A 18 4.81 -12.08 7.51
CA ILE A 18 6.24 -12.13 7.94
C ILE A 18 6.91 -10.89 7.36
N VAL A 19 7.43 -10.07 8.24
CA VAL A 19 7.98 -8.77 7.84
C VAL A 19 9.28 -8.45 8.56
N THR A 20 10.11 -7.72 7.86
CA THR A 20 11.35 -7.16 8.36
C THR A 20 11.27 -5.64 8.06
N ALA A 21 11.49 -4.85 9.07
CA ALA A 21 11.55 -3.38 8.92
C ALA A 21 13.02 -3.00 8.75
N GLY A 22 13.32 -2.31 7.68
CA GLY A 22 14.71 -1.85 7.38
C GLY A 22 14.88 -0.46 8.04
N ALA A 23 16.14 -0.12 8.25
CA ALA A 23 16.50 1.14 8.92
C ALA A 23 16.10 2.35 8.09
N ASP A 24 15.84 2.13 6.81
CA ASP A 24 15.47 3.20 5.87
C ASP A 24 13.97 3.40 5.74
N GLY A 25 13.18 2.70 6.53
CA GLY A 25 11.72 2.81 6.50
C GLY A 25 11.10 1.81 5.54
N ALA A 26 11.87 0.85 5.08
CA ALA A 26 11.38 -0.17 4.14
C ALA A 26 10.73 -1.34 4.88
N LEU A 27 9.73 -1.92 4.27
CA LEU A 27 9.04 -3.12 4.79
C LEU A 27 9.10 -4.16 3.66
N THR A 28 9.56 -5.33 4.01
CA THR A 28 9.67 -6.45 3.07
C THR A 28 9.32 -7.71 3.86
N GLY A 29 8.79 -8.67 3.14
CA GLY A 29 8.41 -9.96 3.76
C GLY A 29 7.49 -10.68 2.78
N THR A 30 6.71 -11.54 3.37
CA THR A 30 5.78 -12.39 2.61
C THR A 30 4.47 -12.46 3.41
N TYR A 31 3.43 -12.70 2.67
CA TYR A 31 2.08 -12.78 3.22
C TYR A 31 1.44 -14.12 2.82
N GLU A 32 0.80 -14.70 3.81
CA GLU A 32 0.11 -16.01 3.59
C GLU A 32 -1.34 -15.83 3.98
N SER A 33 -2.19 -15.86 2.97
CA SER A 33 -3.62 -15.61 3.09
C SER A 33 -4.48 -16.83 3.33
N ALA A 34 -5.38 -16.64 4.28
CA ALA A 34 -6.38 -17.59 4.72
C ALA A 34 -7.60 -17.56 3.80
N VAL A 35 -7.84 -16.42 3.17
CA VAL A 35 -9.01 -16.26 2.30
C VAL A 35 -8.65 -15.82 0.88
N GLY A 36 -9.68 -15.83 0.05
CA GLY A 36 -9.59 -15.42 -1.36
C GLY A 36 -9.09 -16.59 -2.21
N ASN A 37 -8.66 -16.22 -3.41
CA ASN A 37 -8.12 -17.26 -4.35
C ASN A 37 -6.60 -17.17 -4.21
N ALA A 38 -6.09 -17.80 -3.17
CA ALA A 38 -4.68 -17.79 -2.88
C ALA A 38 -4.21 -19.17 -2.32
N GLU A 39 -2.90 -19.25 -2.52
CA GLU A 39 -2.14 -20.37 -2.00
C GLU A 39 -0.65 -19.98 -1.99
N SER A 40 -0.04 -20.44 -0.93
CA SER A 40 1.41 -20.21 -0.75
C SER A 40 1.56 -18.74 -0.36
N ARG A 41 2.79 -18.29 -0.40
CA ARG A 41 3.11 -16.91 -0.04
C ARG A 41 3.23 -16.01 -1.24
N TYR A 42 3.02 -14.75 -0.92
CA TYR A 42 3.09 -13.64 -1.87
C TYR A 42 4.05 -12.61 -1.27
N VAL A 43 4.76 -11.97 -2.14
CA VAL A 43 5.71 -10.90 -1.78
C VAL A 43 4.91 -9.69 -1.30
N LEU A 44 5.42 -9.07 -0.25
CA LEU A 44 4.87 -7.81 0.25
C LEU A 44 6.02 -6.80 0.28
N THR A 45 5.60 -5.56 0.13
CA THR A 45 6.51 -4.41 0.20
C THR A 45 5.69 -3.24 0.78
N GLY A 46 6.33 -2.48 1.61
CA GLY A 46 5.70 -1.36 2.30
C GLY A 46 6.77 -0.39 2.82
N ARG A 47 6.24 0.60 3.51
CA ARG A 47 7.03 1.69 4.11
C ARG A 47 6.46 1.92 5.52
N TYR A 48 7.30 2.39 6.41
CA TYR A 48 6.84 2.72 7.78
C TYR A 48 7.62 3.96 8.25
N ASP A 49 7.08 4.58 9.27
CA ASP A 49 7.74 5.76 9.89
C ASP A 49 8.86 5.21 10.78
N SER A 50 10.08 5.41 10.31
CA SER A 50 11.29 4.96 11.00
C SER A 50 11.70 5.92 12.10
N ALA A 51 10.91 6.97 12.28
CA ALA A 51 11.14 7.96 13.35
C ALA A 51 9.81 8.47 13.89
N PRO A 52 9.08 7.57 14.51
CA PRO A 52 7.73 7.89 15.02
C PRO A 52 7.82 8.87 16.18
N ALA A 53 6.68 9.40 16.57
CA ALA A 53 6.55 10.35 17.68
C ALA A 53 6.73 9.67 19.04
N SER A 57 1.87 7.47 20.76
CA SER A 57 1.48 7.46 19.34
C SER A 57 1.96 6.17 18.67
N GLY A 58 1.09 5.66 17.82
CA GLY A 58 1.36 4.46 17.03
C GLY A 58 2.35 4.86 15.92
N THR A 59 2.85 3.85 15.25
CA THR A 59 3.79 4.01 14.13
C THR A 59 3.00 3.79 12.83
N ALA A 60 2.93 4.82 12.01
CA ALA A 60 2.24 4.73 10.73
C ALA A 60 3.01 3.84 9.76
N LEU A 61 2.26 3.00 9.05
CA LEU A 61 2.87 2.08 8.07
C LEU A 61 1.81 1.69 7.05
N GLY A 62 2.26 1.02 6.02
CA GLY A 62 1.35 0.51 4.96
C GLY A 62 2.18 -0.48 4.14
N TRP A 63 1.48 -1.38 3.50
CA TRP A 63 2.13 -2.39 2.64
C TRP A 63 1.08 -2.86 1.63
N THR A 64 1.60 -3.38 0.54
CA THR A 64 0.85 -3.90 -0.58
C THR A 64 1.30 -5.36 -0.83
N VAL A 65 0.36 -6.12 -1.32
CA VAL A 65 0.50 -7.46 -1.82
C VAL A 65 -0.32 -7.53 -3.13
N ALA A 66 0.36 -7.88 -4.21
CA ALA A 66 -0.37 -8.19 -5.48
C ALA A 66 -0.54 -9.71 -5.41
N TRP A 67 -1.76 -10.15 -5.55
CA TRP A 67 -2.12 -11.57 -5.41
C TRP A 67 -1.73 -12.40 -6.61
N LYS A 68 -0.44 -12.40 -6.83
CA LYS A 68 0.22 -13.14 -7.93
C LYS A 68 1.53 -13.70 -7.44
N ASN A 69 1.63 -15.02 -7.55
CA ASN A 69 2.86 -15.77 -7.22
C ASN A 69 3.08 -16.80 -8.34
N ASN A 70 3.90 -17.79 -8.09
CA ASN A 70 4.22 -18.80 -9.11
C ASN A 70 3.09 -19.79 -9.32
N TYR A 71 2.13 -19.80 -8.45
CA TYR A 71 1.03 -20.76 -8.45
C TYR A 71 -0.32 -20.20 -8.85
N ARG A 72 -0.60 -18.96 -8.49
CA ARG A 72 -1.91 -18.37 -8.77
C ARG A 72 -1.81 -16.88 -9.05
N ASN A 73 -2.83 -16.43 -9.74
CA ASN A 73 -3.02 -15.01 -10.09
C ASN A 73 -4.51 -14.69 -9.95
N ALA A 74 -4.78 -13.85 -8.96
CA ALA A 74 -6.15 -13.42 -8.65
C ALA A 74 -6.46 -12.09 -9.33
N HIS A 75 -5.45 -11.56 -10.00
CA HIS A 75 -5.59 -10.27 -10.71
C HIS A 75 -6.17 -9.22 -9.77
N SER A 76 -5.48 -9.02 -8.66
CA SER A 76 -5.94 -8.07 -7.63
C SER A 76 -4.77 -7.69 -6.74
N ALA A 77 -4.92 -6.64 -5.97
CA ALA A 77 -3.93 -6.15 -5.03
C ALA A 77 -4.62 -5.59 -3.77
N THR A 78 -4.02 -5.87 -2.63
CA THR A 78 -4.51 -5.34 -1.35
C THR A 78 -3.43 -4.40 -0.76
N THR A 79 -3.87 -3.28 -0.26
CA THR A 79 -3.01 -2.33 0.45
C THR A 79 -3.56 -2.21 1.89
N TRP A 80 -2.70 -2.38 2.85
CA TRP A 80 -3.05 -2.24 4.28
C TRP A 80 -2.39 -0.92 4.75
N SER A 81 -3.24 -0.11 5.33
CA SER A 81 -2.85 1.18 5.92
C SER A 81 -3.24 1.10 7.40
N GLY A 82 -2.26 1.34 8.24
CA GLY A 82 -2.49 1.26 9.69
C GLY A 82 -1.35 1.85 10.48
N GLN A 83 -1.32 1.38 11.73
CA GLN A 83 -0.30 1.80 12.69
C GLN A 83 0.06 0.61 13.57
N TYR A 84 1.33 0.59 13.91
CA TYR A 84 1.89 -0.41 14.82
C TYR A 84 1.80 0.18 16.24
N VAL A 85 1.38 -0.64 17.18
CA VAL A 85 1.26 -0.25 18.58
C VAL A 85 1.97 -1.26 19.47
N GLY A 86 3.05 -0.82 20.08
CA GLY A 86 3.91 -1.62 20.93
C GLY A 86 3.32 -1.81 22.32
N GLY A 87 4.08 -2.56 23.11
CA GLY A 87 3.68 -2.85 24.52
C GLY A 87 3.81 -4.35 24.74
N ALA A 88 3.08 -4.80 25.74
CA ALA A 88 3.07 -6.25 26.07
C ALA A 88 2.59 -6.95 24.78
N GLU A 89 1.37 -6.54 24.43
CA GLU A 89 0.64 -7.03 23.27
C GLU A 89 0.75 -6.10 22.07
N ALA A 90 1.81 -6.28 21.30
CA ALA A 90 2.05 -5.49 20.08
C ALA A 90 0.99 -5.87 19.04
N ARG A 91 0.44 -4.85 18.43
CA ARG A 91 -0.61 -4.99 17.43
C ARG A 91 -0.38 -4.02 16.25
N ILE A 92 -0.90 -4.45 15.12
CA ILE A 92 -0.93 -3.64 13.90
C ILE A 92 -2.43 -3.51 13.54
N ASN A 93 -2.94 -2.32 13.71
CA ASN A 93 -4.36 -2.02 13.42
C ASN A 93 -4.42 -1.45 12.00
N THR A 94 -5.21 -2.09 11.15
CA THR A 94 -5.25 -1.68 9.75
C THR A 94 -6.65 -1.57 9.17
N GLN A 95 -6.63 -0.87 8.06
CA GLN A 95 -7.74 -0.74 7.11
C GLN A 95 -7.09 -1.09 5.76
N TRP A 96 -7.82 -1.81 4.95
CA TRP A 96 -7.29 -2.30 3.67
C TRP A 96 -8.27 -2.04 2.54
N LEU A 97 -7.66 -1.97 1.37
CA LEU A 97 -8.37 -1.82 0.09
C LEU A 97 -7.89 -2.96 -0.82
N LEU A 98 -8.81 -3.72 -1.32
CA LEU A 98 -8.50 -4.81 -2.27
C LEU A 98 -9.14 -4.44 -3.61
N THR A 99 -8.32 -4.09 -4.58
CA THR A 99 -8.80 -3.75 -5.93
C THR A 99 -8.53 -4.92 -6.89
N SER A 100 -9.56 -5.22 -7.65
CA SER A 100 -9.51 -6.28 -8.67
C SER A 100 -9.40 -5.58 -10.02
N GLY A 101 -8.59 -6.18 -10.89
CA GLY A 101 -8.51 -5.61 -12.28
C GLY A 101 -9.89 -5.94 -12.86
N THR A 102 -10.52 -4.95 -13.45
CA THR A 102 -11.86 -5.12 -14.04
C THR A 102 -11.94 -4.33 -15.35
N THR A 103 -13.03 -4.61 -16.06
CA THR A 103 -13.30 -3.82 -17.30
C THR A 103 -13.80 -2.46 -16.84
N GLU A 104 -13.89 -1.52 -17.74
CA GLU A 104 -14.33 -0.15 -17.45
C GLU A 104 -15.74 -0.12 -16.91
N ALA A 105 -16.57 -0.99 -17.43
CA ALA A 105 -17.98 -1.12 -17.07
C ALA A 105 -18.17 -1.58 -15.62
N ASN A 106 -17.30 -2.45 -15.17
CA ASN A 106 -17.33 -3.03 -13.84
C ASN A 106 -16.39 -2.37 -12.84
N ALA A 107 -15.73 -1.30 -13.21
CA ALA A 107 -14.77 -0.60 -12.37
C ALA A 107 -15.39 -0.10 -11.07
N TRP A 108 -16.67 0.26 -11.12
CA TRP A 108 -17.37 0.79 -9.95
C TRP A 108 -17.35 -0.17 -8.78
N LYS A 109 -17.34 -1.47 -9.01
CA LYS A 109 -17.33 -2.48 -7.97
C LYS A 109 -16.02 -3.26 -7.89
N SER A 110 -14.93 -2.58 -8.18
CA SER A 110 -13.59 -3.11 -8.19
C SER A 110 -12.93 -3.16 -6.82
N THR A 111 -13.35 -2.34 -5.87
CA THR A 111 -12.64 -2.22 -4.60
C THR A 111 -13.42 -2.56 -3.35
N LEU A 112 -12.89 -3.52 -2.61
CA LEU A 112 -13.40 -3.95 -1.31
C LEU A 112 -12.61 -3.16 -0.25
N VAL A 113 -13.27 -2.97 0.87
CA VAL A 113 -12.69 -2.28 2.03
C VAL A 113 -12.93 -3.18 3.25
N GLY A 114 -11.98 -3.19 4.14
CA GLY A 114 -12.11 -4.01 5.37
C GLY A 114 -11.09 -3.52 6.38
N HIS A 115 -10.95 -4.29 7.43
CA HIS A 115 -10.03 -3.98 8.53
C HIS A 115 -9.51 -5.28 9.13
N ASP A 116 -8.23 -5.31 9.38
CA ASP A 116 -7.48 -6.43 9.94
C ASP A 116 -6.69 -5.92 11.17
N THR A 117 -6.63 -6.78 12.16
CA THR A 117 -5.84 -6.54 13.36
C THR A 117 -4.82 -7.71 13.38
N PHE A 118 -3.58 -7.29 13.46
CA PHE A 118 -2.45 -8.21 13.50
C PHE A 118 -1.90 -8.33 14.91
N THR A 119 -1.69 -9.57 15.30
CA THR A 119 -1.11 -9.93 16.61
C THR A 119 0.26 -10.55 16.35
N LYS A 120 1.24 -10.06 17.06
CA LYS A 120 2.62 -10.52 16.92
C LYS A 120 2.82 -11.82 17.70
N VAL A 121 3.44 -12.78 17.05
CA VAL A 121 3.74 -14.07 17.70
C VAL A 121 5.23 -14.10 18.03
N ALA B 3 6.55 -0.59 -18.50
CA ALA B 3 6.63 0.06 -19.83
C ALA B 3 5.50 1.09 -19.87
N GLY B 4 4.30 0.53 -19.80
CA GLY B 4 3.07 1.33 -19.76
C GLY B 4 2.96 2.03 -18.41
N ILE B 5 3.10 1.27 -17.34
CA ILE B 5 3.02 1.78 -15.97
C ILE B 5 4.23 2.67 -15.67
N THR B 6 5.38 2.23 -16.14
CA THR B 6 6.64 2.99 -15.93
C THR B 6 6.48 4.36 -16.55
N GLY B 7 6.89 5.37 -15.81
CA GLY B 7 6.81 6.77 -16.25
C GLY B 7 6.49 7.70 -15.09
N THR B 8 6.17 8.92 -15.48
CA THR B 8 5.81 10.02 -14.59
C THR B 8 4.30 10.27 -14.76
N TRP B 9 3.64 10.28 -13.64
CA TRP B 9 2.18 10.46 -13.58
C TRP B 9 1.87 11.64 -12.63
N TYR B 10 0.70 12.20 -12.88
CA TYR B 10 0.21 13.33 -12.08
C TYR B 10 -1.25 13.05 -11.70
N ASN B 11 -1.57 13.42 -10.47
CA ASN B 11 -2.97 13.27 -10.00
C ASN B 11 -3.63 14.65 -10.22
N GLN B 12 -4.87 14.72 -9.83
CA GLN B 12 -5.69 15.93 -9.95
C GLN B 12 -5.09 17.10 -9.17
N LEU B 13 -4.48 16.80 -8.04
CA LEU B 13 -3.89 17.75 -7.12
C LEU B 13 -2.56 18.33 -7.59
N GLY B 14 -1.93 17.67 -8.54
CA GLY B 14 -0.65 18.12 -9.08
C GLY B 14 0.54 17.42 -8.44
N SER B 15 0.26 16.39 -7.67
CA SER B 15 1.35 15.59 -7.05
C SER B 15 1.94 14.77 -8.21
N THR B 16 3.22 14.45 -8.09
CA THR B 16 3.95 13.71 -9.10
C THR B 16 4.41 12.36 -8.57
N PHE B 17 4.10 11.36 -9.34
CA PHE B 17 4.44 9.95 -9.04
C PHE B 17 5.37 9.45 -10.16
N ILE B 18 6.62 9.30 -9.84
CA ILE B 18 7.61 8.73 -10.78
C ILE B 18 7.80 7.25 -10.39
N VAL B 19 7.41 6.36 -11.30
CA VAL B 19 7.46 4.94 -11.02
C VAL B 19 8.21 4.11 -12.05
N THR B 20 8.81 3.05 -11.52
CA THR B 20 9.46 2.01 -12.32
C THR B 20 8.76 0.67 -11.99
N ALA B 21 8.22 0.07 -13.01
CA ALA B 21 7.54 -1.24 -12.88
C ALA B 21 8.50 -2.35 -13.30
N GLY B 22 8.86 -3.18 -12.35
CA GLY B 22 9.76 -4.33 -12.52
C GLY B 22 8.99 -5.46 -13.22
N ALA B 23 9.74 -6.32 -13.90
CA ALA B 23 9.12 -7.40 -14.67
C ALA B 23 8.40 -8.39 -13.76
N ASP B 24 8.93 -8.50 -12.56
CA ASP B 24 8.49 -9.39 -11.51
C ASP B 24 7.28 -8.94 -10.71
N GLY B 25 6.79 -7.73 -10.92
CA GLY B 25 5.64 -7.18 -10.25
C GLY B 25 5.96 -6.13 -9.21
N ALA B 26 7.19 -5.64 -9.18
CA ALA B 26 7.61 -4.62 -8.24
C ALA B 26 7.36 -3.22 -8.79
N LEU B 27 6.97 -2.34 -7.89
CA LEU B 27 6.77 -0.91 -8.19
C LEU B 27 7.77 -0.17 -7.28
N THR B 28 8.57 0.68 -7.87
CA THR B 28 9.53 1.46 -7.06
C THR B 28 9.54 2.86 -7.64
N GLY B 29 9.80 3.84 -6.79
CA GLY B 29 9.86 5.22 -7.32
C GLY B 29 9.84 6.28 -6.25
N THR B 30 9.39 7.43 -6.70
CA THR B 30 9.36 8.66 -5.87
C THR B 30 8.02 9.34 -6.03
N TYR B 31 7.54 9.90 -4.93
CA TYR B 31 6.28 10.63 -4.86
C TYR B 31 6.54 12.04 -4.32
N GLU B 32 6.05 13.01 -5.04
CA GLU B 32 6.16 14.43 -4.63
C GLU B 32 4.74 14.99 -4.52
N SER B 33 4.39 15.36 -3.30
CA SER B 33 3.03 15.81 -2.98
C SER B 33 2.82 17.29 -3.24
N ALA B 34 1.55 17.65 -3.39
CA ALA B 34 1.13 19.04 -3.59
C ALA B 34 0.32 19.53 -2.40
N VAL B 35 -0.01 18.61 -1.52
CA VAL B 35 -0.77 18.91 -0.30
C VAL B 35 -0.11 18.27 0.92
N GLY B 36 -0.60 18.71 2.08
CA GLY B 36 -0.19 18.24 3.38
C GLY B 36 1.15 18.73 3.87
N ASN B 37 1.47 18.24 5.04
CA ASN B 37 2.67 18.51 5.84
C ASN B 37 3.84 17.78 5.16
N ALA B 38 4.13 18.20 3.94
CA ALA B 38 5.16 17.53 3.13
C ALA B 38 5.91 18.53 2.27
N GLU B 39 7.13 18.10 1.97
CA GLU B 39 8.05 18.89 1.15
C GLU B 39 9.17 17.98 0.63
N SER B 40 9.25 17.99 -0.69
CA SER B 40 10.26 17.22 -1.41
C SER B 40 9.62 15.89 -1.82
N ARG B 41 10.50 14.99 -2.20
CA ARG B 41 10.10 13.68 -2.69
C ARG B 41 10.20 12.66 -1.58
N TYR B 42 9.36 11.65 -1.72
CA TYR B 42 9.28 10.54 -0.76
C TYR B 42 9.36 9.25 -1.58
N VAL B 43 9.99 8.28 -0.96
CA VAL B 43 10.18 6.95 -1.51
C VAL B 43 8.81 6.26 -1.50
N LEU B 44 8.54 5.59 -2.60
CA LEU B 44 7.32 4.77 -2.70
C LEU B 44 7.80 3.35 -3.07
N THR B 45 7.03 2.39 -2.64
CA THR B 45 7.22 0.96 -2.95
C THR B 45 5.83 0.35 -3.09
N GLY B 46 5.69 -0.55 -4.03
CA GLY B 46 4.42 -1.23 -4.29
C GLY B 46 4.59 -2.53 -5.04
N ARG B 47 3.45 -3.09 -5.39
CA ARG B 47 3.32 -4.33 -6.16
C ARG B 47 2.22 -4.13 -7.22
N TYR B 48 2.34 -4.89 -8.29
CA TYR B 48 1.34 -4.84 -9.38
C TYR B 48 1.23 -6.22 -10.01
N ASP B 49 0.11 -6.45 -10.67
CA ASP B 49 -0.13 -7.72 -11.39
C ASP B 49 0.69 -7.65 -12.68
N SER B 50 1.71 -8.47 -12.75
CA SER B 50 2.62 -8.50 -13.89
C SER B 50 2.18 -9.45 -15.00
N ALA B 51 1.04 -10.08 -14.81
CA ALA B 51 0.41 -10.99 -15.76
C ALA B 51 -1.12 -10.79 -15.72
N PRO B 52 -1.55 -9.64 -16.17
CA PRO B 52 -2.97 -9.27 -16.15
C PRO B 52 -3.78 -10.09 -17.13
N ALA B 53 -5.09 -10.09 -16.94
CA ALA B 53 -6.01 -10.87 -17.76
C ALA B 53 -6.11 -10.29 -19.18
N SER B 57 -9.77 -6.73 -16.94
CA SER B 57 -9.08 -6.00 -18.01
C SER B 57 -8.08 -4.99 -17.52
N GLY B 58 -8.37 -4.27 -16.47
CA GLY B 58 -7.42 -3.26 -15.91
C GLY B 58 -6.31 -4.03 -15.18
N THR B 59 -5.24 -3.33 -14.84
CA THR B 59 -4.11 -3.96 -14.13
C THR B 59 -4.09 -3.52 -12.67
N ALA B 60 -4.29 -4.47 -11.77
CA ALA B 60 -4.31 -4.19 -10.33
C ALA B 60 -2.90 -3.83 -9.85
N LEU B 61 -2.88 -2.85 -8.96
CA LEU B 61 -1.63 -2.34 -8.37
C LEU B 61 -1.93 -1.65 -7.04
N GLY B 62 -0.83 -1.31 -6.38
CA GLY B 62 -0.90 -0.59 -5.11
C GLY B 62 0.51 -0.15 -4.72
N TRP B 63 0.57 0.82 -3.86
CA TRP B 63 1.87 1.34 -3.38
C TRP B 63 1.63 2.09 -2.08
N THR B 64 2.73 2.26 -1.36
CA THR B 64 2.77 2.98 -0.10
C THR B 64 3.88 4.04 -0.13
N VAL B 65 3.59 5.12 0.56
CA VAL B 65 4.49 6.24 0.81
C VAL B 65 4.37 6.51 2.33
N ALA B 66 5.46 6.44 3.03
CA ALA B 66 5.49 6.85 4.47
C ALA B 66 5.94 8.30 4.36
N TRP B 67 5.25 9.21 4.98
CA TRP B 67 5.50 10.64 4.83
C TRP B 67 6.64 11.17 5.65
N LYS B 68 7.78 10.51 5.49
CA LYS B 68 9.04 10.85 6.11
C LYS B 68 10.16 10.86 5.07
N ASN B 69 10.92 11.93 5.11
CA ASN B 69 12.09 12.14 4.24
C ASN B 69 13.15 12.88 5.08
N ASN B 70 14.14 13.41 4.41
CA ASN B 70 15.25 14.12 5.04
C ASN B 70 14.84 15.48 5.60
N TYR B 71 13.73 16.01 5.14
CA TYR B 71 13.23 17.32 5.53
C TYR B 71 12.10 17.32 6.54
N ARG B 72 11.14 16.43 6.38
CA ARG B 72 9.99 16.38 7.29
C ARG B 72 9.52 14.97 7.58
N ASN B 73 8.67 14.92 8.60
CA ASN B 73 8.07 13.68 9.08
C ASN B 73 6.64 14.01 9.57
N ALA B 74 5.68 13.57 8.79
CA ALA B 74 4.27 13.83 9.11
C ALA B 74 3.69 12.68 9.93
N HIS B 75 4.53 11.72 10.25
CA HIS B 75 4.10 10.56 11.06
C HIS B 75 2.81 9.96 10.51
N SER B 76 2.84 9.66 9.23
CA SER B 76 1.69 9.09 8.52
C SER B 76 2.19 8.35 7.27
N ALA B 77 1.29 7.60 6.70
CA ALA B 77 1.54 6.77 5.53
C ALA B 77 0.25 6.65 4.71
N THR B 78 0.43 6.68 3.42
CA THR B 78 -0.67 6.54 2.47
C THR B 78 -0.42 5.29 1.60
N THR B 79 -1.52 4.60 1.37
CA THR B 79 -1.52 3.42 0.51
C THR B 79 -2.56 3.70 -0.59
N TRP B 80 -2.17 3.50 -1.81
CA TRP B 80 -3.04 3.70 -2.98
C TRP B 80 -3.30 2.28 -3.52
N SER B 81 -4.56 2.04 -3.78
CA SER B 81 -5.02 0.74 -4.31
C SER B 81 -5.86 1.07 -5.54
N GLY B 82 -5.54 0.42 -6.65
CA GLY B 82 -6.28 0.70 -7.89
C GLY B 82 -5.90 -0.15 -9.08
N GLN B 83 -6.11 0.45 -10.25
CA GLN B 83 -5.83 -0.22 -11.50
C GLN B 83 -5.37 0.76 -12.56
N TYR B 84 -4.40 0.25 -13.33
CA TYR B 84 -3.84 0.94 -14.48
C TYR B 84 -4.69 0.54 -15.69
N VAL B 85 -5.12 1.53 -16.42
CA VAL B 85 -5.90 1.33 -17.67
C VAL B 85 -5.04 1.93 -18.77
N GLY B 86 -4.54 1.06 -19.62
CA GLY B 86 -3.63 1.48 -20.72
C GLY B 86 -4.44 2.07 -21.86
N GLY B 87 -3.73 2.42 -22.92
CA GLY B 87 -4.37 2.98 -24.12
C GLY B 87 -3.81 4.36 -24.44
N ALA B 88 -4.50 5.01 -25.38
CA ALA B 88 -4.16 6.34 -25.87
C ALA B 88 -4.08 7.32 -24.70
N GLU B 89 -5.05 7.20 -23.80
CA GLU B 89 -5.09 8.05 -22.60
C GLU B 89 -5.04 7.20 -21.34
N ALA B 90 -3.86 6.67 -21.08
CA ALA B 90 -3.59 5.81 -19.93
C ALA B 90 -3.87 6.57 -18.64
N ARG B 91 -4.47 5.83 -17.71
CA ARG B 91 -4.85 6.31 -16.39
C ARG B 91 -4.61 5.24 -15.32
N ILE B 92 -4.42 5.75 -14.13
CA ILE B 92 -4.33 4.94 -12.91
C ILE B 92 -5.43 5.51 -11.98
N ASN B 93 -6.45 4.70 -11.81
CA ASN B 93 -7.60 5.06 -10.95
C ASN B 93 -7.38 4.43 -9.58
N THR B 94 -7.29 5.27 -8.56
CA THR B 94 -7.05 4.78 -7.22
C THR B 94 -8.01 5.31 -6.17
N GLN B 95 -7.94 4.56 -5.07
CA GLN B 95 -8.57 4.89 -3.78
C GLN B 95 -7.42 4.80 -2.78
N TRP B 96 -7.39 5.68 -1.81
CA TRP B 96 -6.28 5.71 -0.87
C TRP B 96 -6.74 5.83 0.57
N LEU B 97 -5.90 5.35 1.45
CA LEU B 97 -6.06 5.40 2.91
C LEU B 97 -4.79 6.11 3.44
N LEU B 98 -5.02 7.13 4.21
CA LEU B 98 -3.93 7.87 4.85
C LEU B 98 -4.14 7.73 6.36
N THR B 99 -3.24 6.96 6.95
CA THR B 99 -3.29 6.72 8.40
C THR B 99 -2.20 7.54 9.08
N SER B 100 -2.59 8.26 10.12
CA SER B 100 -1.62 9.03 10.92
C SER B 100 -1.35 8.16 12.18
N GLY B 101 -0.14 8.31 12.66
CA GLY B 101 0.22 7.62 13.96
C GLY B 101 -0.50 8.51 15.01
N THR B 102 -1.29 7.86 15.84
CA THR B 102 -2.07 8.55 16.88
C THR B 102 -1.99 7.74 18.18
N THR B 103 -2.39 8.45 19.24
CA THR B 103 -2.51 7.82 20.59
C THR B 103 -3.75 6.94 20.48
N GLU B 104 -3.96 6.08 21.46
CA GLU B 104 -5.09 5.14 21.41
C GLU B 104 -6.42 5.82 21.47
N ALA B 105 -6.48 7.00 22.07
CA ALA B 105 -7.66 7.83 22.23
C ALA B 105 -8.13 8.48 20.94
N ASN B 106 -7.21 8.68 20.00
CA ASN B 106 -7.51 9.32 18.73
C ASN B 106 -7.48 8.33 17.57
N ALA B 107 -7.39 7.07 17.89
CA ALA B 107 -7.32 5.98 16.92
C ALA B 107 -8.53 5.93 16.01
N TRP B 108 -9.71 6.23 16.52
CA TRP B 108 -10.94 6.21 15.72
C TRP B 108 -10.86 7.13 14.51
N LYS B 109 -10.13 8.22 14.63
CA LYS B 109 -9.99 9.19 13.54
C LYS B 109 -8.59 9.31 12.98
N SER B 110 -7.93 8.19 12.87
CA SER B 110 -6.56 8.10 12.37
C SER B 110 -6.46 7.97 10.86
N THR B 111 -7.51 7.56 10.18
CA THR B 111 -7.48 7.24 8.76
C THR B 111 -8.39 8.07 7.87
N LEU B 112 -7.82 8.64 6.84
CA LEU B 112 -8.55 9.41 5.83
C LEU B 112 -8.67 8.51 4.59
N VAL B 113 -9.72 8.71 3.84
CA VAL B 113 -9.98 7.95 2.61
C VAL B 113 -10.31 8.93 1.48
N GLY B 114 -9.76 8.64 0.32
CA GLY B 114 -9.98 9.48 -0.86
C GLY B 114 -9.76 8.60 -2.11
N HIS B 115 -9.73 9.29 -3.22
CA HIS B 115 -9.53 8.69 -4.54
C HIS B 115 -8.70 9.66 -5.38
N ASP B 116 -7.79 9.12 -6.13
CA ASP B 116 -6.89 9.91 -7.00
C ASP B 116 -6.90 9.25 -8.40
N THR B 117 -6.90 10.10 -9.38
CA THR B 117 -6.79 9.68 -10.78
C THR B 117 -5.45 10.23 -11.31
N PHE B 118 -4.62 9.32 -11.75
CA PHE B 118 -3.30 9.67 -12.29
C PHE B 118 -3.30 9.59 -13.82
N THR B 119 -2.74 10.64 -14.42
CA THR B 119 -2.56 10.67 -15.89
C THR B 119 -1.13 11.11 -16.17
N LYS B 120 -0.70 10.92 -17.40
CA LYS B 120 0.64 11.26 -17.86
C LYS B 120 0.78 12.70 -18.30
N VAL B 121 -0.29 13.47 -18.17
CA VAL B 121 -0.31 14.87 -18.61
C VAL B 121 0.07 15.82 -17.46
C1 MOB C . -1.90 12.56 -0.12
C2 MOB C . -1.99 12.53 -1.51
C3 MOB C . -2.85 11.62 -2.14
C4 MOB C . -3.60 10.75 -1.36
C5 MOB C . -3.54 10.79 0.03
C6 MOB C . -2.69 11.69 0.66
C1' MOB C . -0.64 14.15 2.82
C2' MOB C . 0.70 14.47 2.58
C3' MOB C . 1.57 14.65 3.67
C4' MOB C . 1.08 14.48 4.97
C5' MOB C . -0.25 14.17 5.21
C6' MOB C . -1.11 14.00 4.11
C MOB C . -1.09 13.46 -2.34
CHX MOB C . 3.77 14.83 4.62
CHZ MOB C . -0.01 12.98 7.23
N1 MOB C . -1.01 13.53 0.57
N1' MOB C . -1.54 13.98 1.65
O MOB C . -1.03 13.32 -3.56
OXT MOB C . -0.25 14.41 -1.69
O3' MOB C . 2.92 14.99 3.43
O4' MOB C . 1.97 14.67 6.08
O5' MOB C . -0.73 14.00 6.54
C1 MOB D . -7.08 -10.32 1.85
C2 MOB D . -6.86 -10.39 3.21
C3 MOB D . -7.13 -9.28 4.02
C4 MOB D . -7.62 -8.11 3.42
C5 MOB D . -7.88 -8.05 2.04
C6 MOB D . -7.60 -9.16 1.25
C1' MOB D . -7.53 -12.31 -1.17
C2' MOB D . -6.49 -13.21 -1.19
C3' MOB D . -6.19 -13.95 -2.34
C4' MOB D . -6.93 -13.77 -3.49
C5' MOB D . -8.00 -12.86 -3.49
C6' MOB D . -8.30 -12.14 -2.33
C MOB D . -6.29 -11.67 3.85
CHX MOB D . -5.80 -16.05 -1.49
CHZ MOB D . -8.98 -11.27 -4.89
N1 MOB D . -6.86 -11.50 0.95
N1' MOB D . -7.81 -11.57 0.07
O MOB D . -5.95 -11.66 5.04
OXT MOB D . -6.10 -12.84 3.05
O3' MOB D . -5.10 -14.88 -2.26
O4' MOB D . -6.63 -14.53 -4.67
O5' MOB D . -8.79 -12.68 -4.66
#